data_5CZF
#
_entry.id   5CZF
#
_cell.length_a   91.560
_cell.length_b   91.560
_cell.length_c   185.600
_cell.angle_alpha   90.00
_cell.angle_beta   90.00
_cell.angle_gamma   120.00
#
_symmetry.space_group_name_H-M   'P 65 2 2'
#
loop_
_entity.id
_entity.type
_entity.pdbx_description
1 polymer PaaA2
2 polymer 'Plasmid stabilization protein ParE'
3 non-polymer 'SULFATE ION'
4 water water
#
loop_
_entity_poly.entity_id
_entity_poly.type
_entity_poly.pdbx_seq_one_letter_code
_entity_poly.pdbx_strand_id
1 'polypeptide(L)' METIEQENSYNEWLRAKVATSLADPRPAIPHDEVERRMAERFAKMRKERSKQ A,B
2 'polypeptide(L)'
;MGSSHHHHHHSSGLVPRGSHLPVLWLESADTDLDDITSYIARFDIDAAERLWQRLRGCVLPLSEHPYLYPPSDRVPGLRE
IVAHPNYIILYRVTTSSVEVVNVIHARRQFP
;
C,D
#
# COMPACT_ATOMS: atom_id res chain seq x y z
N GLU A 5 2.80 4.46 -23.25
CA GLU A 5 3.89 5.38 -23.53
C GLU A 5 4.12 6.32 -22.35
N GLN A 6 3.04 6.62 -21.62
CA GLN A 6 3.15 7.44 -20.42
C GLN A 6 3.78 6.67 -19.26
N GLU A 7 3.72 5.33 -19.30
CA GLU A 7 4.40 4.52 -18.30
C GLU A 7 5.90 4.44 -18.54
N ASN A 8 6.33 4.57 -19.79
CA ASN A 8 7.76 4.57 -20.07
C ASN A 8 8.41 5.87 -19.62
N SER A 9 7.73 6.99 -19.77
CA SER A 9 8.27 8.24 -19.28
C SER A 9 8.31 8.27 -17.75
N TYR A 10 7.30 7.67 -17.11
CA TYR A 10 7.27 7.62 -15.66
C TYR A 10 8.42 6.75 -15.12
N ASN A 11 8.64 5.59 -15.75
CA ASN A 11 9.69 4.70 -15.26
C ASN A 11 11.08 5.30 -15.50
N GLU A 12 11.28 5.92 -16.67
CA GLU A 12 12.57 6.55 -16.92
C GLU A 12 12.81 7.72 -15.97
N TRP A 13 11.77 8.51 -15.70
CA TRP A 13 11.91 9.60 -14.74
C TRP A 13 12.21 9.06 -13.35
N LEU A 14 11.60 7.93 -12.99
CA LEU A 14 11.78 7.38 -11.65
C LEU A 14 13.16 6.74 -11.50
N ARG A 15 13.65 6.04 -12.54
CA ARG A 15 14.99 5.47 -12.46
C ARG A 15 16.05 6.55 -12.37
N ALA A 16 15.90 7.62 -13.15
CA ALA A 16 16.82 8.75 -13.06
C ALA A 16 16.72 9.43 -11.69
N LYS A 17 15.52 9.50 -11.12
CA LYS A 17 15.37 10.08 -9.79
C LYS A 17 16.09 9.26 -8.74
N VAL A 18 15.97 7.93 -8.80
CA VAL A 18 16.66 7.07 -7.84
C VAL A 18 18.17 7.13 -8.06
N ALA A 19 18.60 7.13 -9.33
CA ALA A 19 20.02 7.24 -9.63
C ALA A 19 20.62 8.50 -9.03
N THR A 20 19.89 9.62 -9.11
CA THR A 20 20.34 10.84 -8.43
C THR A 20 20.35 10.65 -6.92
N SER A 21 19.32 9.98 -6.38
CA SER A 21 19.24 9.76 -4.94
C SER A 21 20.41 8.91 -4.44
N LEU A 22 20.83 7.94 -5.24
CA LEU A 22 21.91 7.05 -4.83
C LEU A 22 23.29 7.63 -5.10
N ALA A 23 23.39 8.72 -5.87
CA ALA A 23 24.66 9.41 -6.07
C ALA A 23 24.91 10.49 -5.03
N ASP A 24 23.97 10.69 -4.11
CA ASP A 24 24.07 11.79 -3.15
C ASP A 24 25.17 11.51 -2.13
N PRO A 25 26.17 12.39 -1.99
CA PRO A 25 27.24 12.15 -1.00
C PRO A 25 26.79 12.25 0.44
N ARG A 26 25.65 12.88 0.71
CA ARG A 26 25.25 13.07 2.09
C ARG A 26 24.72 11.77 2.69
N PRO A 27 25.08 11.47 3.94
CA PRO A 27 24.70 10.18 4.52
C PRO A 27 23.23 10.12 4.90
N ALA A 28 22.74 8.89 5.02
CA ALA A 28 21.35 8.65 5.40
C ALA A 28 21.07 9.17 6.81
N ILE A 29 19.80 9.36 7.10
CA ILE A 29 19.34 10.12 8.26
C ILE A 29 18.42 9.24 9.07
N PRO A 30 18.58 9.17 10.40
CA PRO A 30 17.69 8.34 11.21
C PRO A 30 16.25 8.85 11.16
N HIS A 31 15.32 7.90 11.26
CA HIS A 31 13.89 8.24 11.27
C HIS A 31 13.59 9.26 12.36
N ASP A 32 14.16 9.05 13.56
CA ASP A 32 14.22 10.07 14.60
C ASP A 32 14.29 11.49 14.02
N GLU A 33 15.29 11.77 13.19
CA GLU A 33 15.55 13.13 12.73
C GLU A 33 14.49 13.62 11.75
N VAL A 34 14.02 12.74 10.87
CA VAL A 34 12.97 13.11 9.93
C VAL A 34 11.68 13.46 10.66
N GLU A 35 11.35 12.70 11.71
CA GLU A 35 10.23 13.07 12.55
C GLU A 35 10.41 14.47 13.14
N ARG A 36 11.65 14.84 13.45
CA ARG A 36 11.90 16.15 14.05
C ARG A 36 11.74 17.26 13.03
N ARG A 37 12.25 17.06 11.81
CA ARG A 37 12.13 18.07 10.76
C ARG A 37 10.70 18.22 10.27
N MET A 38 9.99 17.09 10.10
CA MET A 38 8.58 17.18 9.78
C MET A 38 7.82 17.97 10.84
N ALA A 39 8.14 17.74 12.11
CA ALA A 39 7.52 18.52 13.18
C ALA A 39 7.93 19.98 13.07
N GLU A 40 9.19 20.24 12.74
CA GLU A 40 9.66 21.61 12.56
C GLU A 40 8.94 22.29 11.41
N ARG A 41 8.66 21.53 10.34
CA ARG A 41 8.05 22.12 9.16
C ARG A 41 6.57 22.45 9.40
N PHE A 42 5.82 21.52 9.98
CA PHE A 42 4.41 21.79 10.25
C PHE A 42 4.23 22.94 11.24
N ALA A 43 5.15 23.07 12.21
CA ALA A 43 5.05 24.17 13.17
C ALA A 43 5.26 25.51 12.50
N LYS A 44 6.29 25.62 11.64
CA LYS A 44 6.53 26.87 10.93
C LYS A 44 5.40 27.17 9.96
N MET A 45 4.77 26.14 9.39
CA MET A 45 3.65 26.37 8.48
C MET A 45 2.44 26.92 9.21
N ARG A 46 2.21 26.47 10.45
CA ARG A 46 1.08 26.98 11.22
C ARG A 46 1.34 28.38 11.76
N LYS A 47 2.58 28.67 12.16
CA LYS A 47 2.92 30.04 12.57
C LYS A 47 2.72 31.03 11.42
N GLU A 48 2.79 30.55 10.18
CA GLU A 48 2.56 31.37 8.99
C GLU A 48 1.08 31.61 8.69
N ARG A 49 0.18 30.99 9.45
CA ARG A 49 -1.25 31.23 9.28
C ARG A 49 -1.77 32.24 10.30
N SER B 9 -20.26 9.99 -0.30
CA SER B 9 -21.03 9.00 -1.04
C SER B 9 -20.21 7.74 -1.27
N TYR B 10 -18.93 7.93 -1.56
CA TYR B 10 -18.02 6.79 -1.67
C TYR B 10 -17.98 5.99 -0.37
N ASN B 11 -17.94 6.69 0.77
CA ASN B 11 -17.95 6.02 2.06
C ASN B 11 -19.33 5.45 2.37
N GLU B 12 -20.39 6.11 1.92
CA GLU B 12 -21.73 5.53 2.05
C GLU B 12 -21.86 4.26 1.22
N TRP B 13 -21.26 4.25 0.03
CA TRP B 13 -21.21 3.02 -0.77
C TRP B 13 -20.37 1.95 -0.07
N LEU B 14 -19.26 2.36 0.53
CA LEU B 14 -18.34 1.41 1.14
C LEU B 14 -18.96 0.75 2.36
N ARG B 15 -19.54 1.56 3.26
CA ARG B 15 -20.14 1.01 4.46
C ARG B 15 -21.35 0.13 4.14
N ALA B 16 -22.12 0.50 3.11
CA ALA B 16 -23.24 -0.35 2.70
C ALA B 16 -22.74 -1.67 2.12
N LYS B 17 -21.64 -1.61 1.36
CA LYS B 17 -21.11 -2.83 0.75
C LYS B 17 -20.54 -3.76 1.81
N VAL B 18 -19.85 -3.21 2.81
CA VAL B 18 -19.38 -4.02 3.93
C VAL B 18 -20.56 -4.67 4.65
N ALA B 19 -21.63 -3.91 4.87
CA ALA B 19 -22.79 -4.44 5.59
C ALA B 19 -23.40 -5.62 4.85
N THR B 20 -23.45 -5.55 3.51
CA THR B 20 -23.95 -6.68 2.74
C THR B 20 -23.01 -7.89 2.87
N SER B 21 -21.71 -7.63 2.94
CA SER B 21 -20.73 -8.71 2.94
C SER B 21 -20.84 -9.56 4.20
N LEU B 22 -21.12 -8.94 5.35
CA LEU B 22 -21.21 -9.65 6.61
C LEU B 22 -22.60 -10.17 6.91
N ALA B 23 -23.63 -9.56 6.36
CA ALA B 23 -24.96 -10.15 6.46
C ALA B 23 -25.04 -11.48 5.73
N ASP B 24 -24.06 -11.79 4.88
CA ASP B 24 -24.16 -12.98 4.03
C ASP B 24 -23.99 -14.21 4.89
N PRO B 25 -24.91 -15.18 4.85
CA PRO B 25 -24.84 -16.27 5.81
C PRO B 25 -23.84 -17.38 5.45
N ARG B 26 -23.17 -17.29 4.30
CA ARG B 26 -22.23 -18.35 3.90
C ARG B 26 -20.98 -18.32 4.78
N PRO B 27 -20.38 -19.48 5.04
CA PRO B 27 -19.13 -19.50 5.82
C PRO B 27 -17.96 -18.96 5.02
N ALA B 28 -16.99 -18.41 5.73
CA ALA B 28 -15.75 -17.97 5.09
C ALA B 28 -15.01 -19.14 4.47
N ILE B 29 -14.22 -18.86 3.45
CA ILE B 29 -13.52 -19.90 2.70
C ILE B 29 -12.02 -19.80 2.94
N PRO B 30 -11.30 -20.92 3.02
CA PRO B 30 -9.85 -20.85 3.23
C PRO B 30 -9.13 -20.19 2.06
N HIS B 31 -7.99 -19.56 2.37
CA HIS B 31 -7.23 -18.87 1.34
C HIS B 31 -6.82 -19.81 0.22
N ASP B 32 -6.41 -21.03 0.57
CA ASP B 32 -5.95 -21.95 -0.46
C ASP B 32 -7.07 -22.36 -1.40
N GLU B 33 -8.32 -22.33 -0.93
CA GLU B 33 -9.44 -22.54 -1.84
C GLU B 33 -9.63 -21.34 -2.77
N VAL B 34 -9.46 -20.13 -2.24
CA VAL B 34 -9.45 -18.95 -3.10
C VAL B 34 -8.34 -19.06 -4.13
N GLU B 35 -7.17 -19.59 -3.72
CA GLU B 35 -6.10 -19.84 -4.67
C GLU B 35 -6.54 -20.78 -5.77
N ARG B 36 -7.34 -21.78 -5.42
CA ARG B 36 -7.78 -22.77 -6.40
C ARG B 36 -8.81 -22.15 -7.34
N ARG B 37 -9.75 -21.36 -6.80
CA ARG B 37 -10.69 -20.65 -7.65
C ARG B 37 -9.97 -19.69 -8.59
N MET B 38 -8.94 -19.02 -8.09
CA MET B 38 -8.20 -18.07 -8.91
C MET B 38 -7.48 -18.76 -10.05
N ALA B 39 -6.79 -19.87 -9.76
CA ALA B 39 -6.12 -20.64 -10.80
C ALA B 39 -7.11 -21.08 -11.87
N GLU B 40 -8.30 -21.52 -11.43
CA GLU B 40 -9.32 -21.98 -12.37
C GLU B 40 -9.84 -20.83 -13.24
N ARG B 41 -9.96 -19.63 -12.64
CA ARG B 41 -10.43 -18.47 -13.40
C ARG B 41 -9.39 -18.03 -14.43
N PHE B 42 -8.11 -18.04 -14.06
CA PHE B 42 -7.06 -17.69 -15.01
C PHE B 42 -6.94 -18.73 -16.12
N ALA B 43 -7.17 -20.00 -15.81
CA ALA B 43 -7.04 -21.04 -16.83
C ALA B 43 -8.11 -20.89 -17.90
N LYS B 44 -9.32 -20.51 -17.51
CA LYS B 44 -10.39 -20.35 -18.50
C LYS B 44 -10.17 -19.11 -19.35
N MET B 45 -9.60 -18.04 -18.77
CA MET B 45 -9.29 -16.85 -19.55
C MET B 45 -8.24 -17.14 -20.62
N ARG B 46 -7.18 -17.85 -20.25
CA ARG B 46 -6.09 -18.13 -21.18
C ARG B 46 -6.54 -19.04 -22.33
N LYS B 47 -7.61 -19.80 -22.13
CA LYS B 47 -8.24 -20.56 -23.21
C LYS B 47 -9.23 -19.72 -24.02
N GLU B 48 -9.00 -18.41 -24.08
CA GLU B 48 -9.88 -17.47 -24.78
C GLU B 48 -11.32 -17.62 -24.31
N SER C 19 1.42 -15.67 17.36
CA SER C 19 0.25 -15.58 16.49
C SER C 19 0.48 -16.31 15.18
N HIS C 20 -0.39 -17.29 14.87
CA HIS C 20 -0.26 -18.10 13.66
C HIS C 20 -1.68 -18.43 13.18
N LEU C 21 -2.29 -17.47 12.54
CA LEU C 21 -3.72 -17.56 12.23
C LEU C 21 -3.98 -18.06 10.82
N PRO C 22 -5.04 -18.83 10.64
CA PRO C 22 -5.52 -19.11 9.29
C PRO C 22 -6.00 -17.83 8.63
N VAL C 23 -5.88 -17.80 7.30
CA VAL C 23 -6.35 -16.67 6.51
C VAL C 23 -7.57 -17.13 5.72
N LEU C 24 -8.69 -16.46 5.93
CA LEU C 24 -9.96 -16.78 5.31
C LEU C 24 -10.49 -15.59 4.53
N TRP C 25 -11.27 -15.87 3.49
CA TRP C 25 -11.92 -14.86 2.66
C TRP C 25 -13.42 -15.03 2.76
N LEU C 26 -14.14 -13.91 2.85
CA LEU C 26 -15.58 -13.96 2.73
C LEU C 26 -15.97 -14.01 1.26
N GLU C 27 -17.10 -14.69 0.99
CA GLU C 27 -17.53 -14.87 -0.40
C GLU C 27 -17.65 -13.54 -1.12
N SER C 28 -17.93 -12.46 -0.39
CA SER C 28 -17.95 -11.13 -0.98
C SER C 28 -16.59 -10.74 -1.53
N ALA C 29 -15.52 -11.02 -0.76
CA ALA C 29 -14.18 -10.69 -1.21
C ALA C 29 -13.76 -11.53 -2.41
N ASP C 30 -14.06 -12.83 -2.38
CA ASP C 30 -13.82 -13.66 -3.56
C ASP C 30 -14.61 -13.16 -4.75
N THR C 31 -15.86 -12.71 -4.52
CA THR C 31 -16.62 -12.12 -5.61
C THR C 31 -15.97 -10.82 -6.09
N ASP C 32 -15.45 -10.04 -5.14
CA ASP C 32 -14.69 -8.85 -5.51
C ASP C 32 -13.50 -9.22 -6.38
N LEU C 33 -12.75 -10.27 -6.01
CA LEU C 33 -11.62 -10.71 -6.80
C LEU C 33 -12.04 -11.13 -8.20
N ASP C 34 -13.13 -11.88 -8.31
CA ASP C 34 -13.60 -12.32 -9.62
C ASP C 34 -13.96 -11.13 -10.50
N ASP C 35 -14.66 -10.15 -9.94
CA ASP C 35 -15.07 -8.98 -10.72
C ASP C 35 -13.86 -8.15 -11.12
N ILE C 36 -12.93 -7.92 -10.19
CA ILE C 36 -11.77 -7.09 -10.48
C ILE C 36 -10.89 -7.75 -11.54
N THR C 37 -10.60 -9.04 -11.35
CA THR C 37 -9.69 -9.74 -12.27
C THR C 37 -10.29 -9.86 -13.66
N SER C 38 -11.60 -10.13 -13.75
CA SER C 38 -12.21 -10.25 -15.08
C SER C 38 -12.32 -8.89 -15.76
N TYR C 39 -12.43 -7.80 -15.00
CA TYR C 39 -12.39 -6.48 -15.59
C TYR C 39 -11.03 -6.20 -16.22
N ILE C 40 -9.96 -6.49 -15.48
CA ILE C 40 -8.61 -6.21 -15.99
C ILE C 40 -8.26 -7.17 -17.11
N ALA C 41 -8.72 -8.43 -17.03
CA ALA C 41 -8.39 -9.42 -18.05
C ALA C 41 -9.02 -9.10 -19.40
N ARG C 42 -10.06 -8.27 -19.43
CA ARG C 42 -10.64 -7.87 -20.71
C ARG C 42 -9.62 -7.14 -21.57
N PHE C 43 -8.65 -6.47 -20.96
CA PHE C 43 -7.58 -5.79 -21.67
C PHE C 43 -6.21 -6.41 -21.47
N ASP C 44 -5.92 -6.95 -20.29
CA ASP C 44 -4.61 -7.51 -19.99
C ASP C 44 -4.77 -8.62 -18.97
N ILE C 45 -4.55 -9.86 -19.39
CA ILE C 45 -4.68 -11.00 -18.48
C ILE C 45 -3.46 -11.12 -17.57
N ASP C 46 -2.27 -10.81 -18.08
CA ASP C 46 -1.08 -10.86 -17.24
C ASP C 46 -1.12 -9.82 -16.13
N ALA C 47 -1.71 -8.65 -16.39
CA ALA C 47 -1.85 -7.66 -15.33
C ALA C 47 -2.87 -8.11 -14.28
N ALA C 48 -3.92 -8.82 -14.71
CA ALA C 48 -4.88 -9.36 -13.75
C ALA C 48 -4.25 -10.41 -12.86
N GLU C 49 -3.29 -11.18 -13.38
CA GLU C 49 -2.60 -12.15 -12.54
C GLU C 49 -1.53 -11.49 -11.68
N ARG C 50 -0.91 -10.42 -12.21
CA ARG C 50 0.07 -9.67 -11.41
C ARG C 50 -0.59 -9.05 -10.18
N LEU C 51 -1.84 -8.62 -10.32
CA LEU C 51 -2.54 -8.00 -9.20
C LEU C 51 -2.88 -9.04 -8.13
N TRP C 52 -3.38 -10.20 -8.55
CA TRP C 52 -3.72 -11.24 -7.59
C TRP C 52 -2.50 -11.69 -6.81
N GLN C 53 -1.36 -11.82 -7.48
CA GLN C 53 -0.12 -12.13 -6.77
C GLN C 53 0.23 -11.05 -5.78
N ARG C 54 -0.09 -9.79 -6.10
CA ARG C 54 0.20 -8.70 -5.18
C ARG C 54 -0.74 -8.72 -3.98
N LEU C 55 -2.03 -9.02 -4.21
CA LEU C 55 -3.00 -8.98 -3.12
C LEU C 55 -2.77 -10.12 -2.14
N ARG C 56 -2.48 -11.32 -2.65
CA ARG C 56 -2.16 -12.43 -1.74
C ARG C 56 -0.85 -12.18 -1.02
N GLY C 57 0.12 -11.53 -1.67
CA GLY C 57 1.33 -11.14 -0.98
C GLY C 57 1.09 -10.14 0.14
N CYS C 58 -0.06 -9.44 0.11
CA CYS C 58 -0.41 -8.50 1.17
C CYS C 58 -1.06 -9.21 2.36
N VAL C 59 -1.92 -10.20 2.11
CA VAL C 59 -2.76 -10.73 3.18
C VAL C 59 -2.14 -11.90 3.93
N LEU C 60 -1.22 -12.63 3.33
CA LEU C 60 -0.71 -13.83 3.98
C LEU C 60 0.30 -13.54 5.09
N PRO C 61 1.09 -12.46 5.01
CA PRO C 61 1.84 -12.05 6.21
C PRO C 61 0.97 -11.80 7.42
N LEU C 62 -0.32 -11.49 7.23
CA LEU C 62 -1.20 -11.27 8.37
C LEU C 62 -1.39 -12.52 9.22
N SER C 63 -1.06 -13.69 8.68
CA SER C 63 -1.17 -14.93 9.43
C SER C 63 -0.31 -14.87 10.69
N GLU C 64 0.87 -14.26 10.60
CA GLU C 64 1.79 -14.16 11.73
C GLU C 64 1.74 -12.82 12.43
N HIS C 65 1.32 -11.77 11.74
CA HIS C 65 1.17 -10.45 12.35
C HIS C 65 -0.14 -9.85 11.85
N PRO C 66 -1.26 -10.17 12.50
CA PRO C 66 -2.54 -9.63 12.03
C PRO C 66 -2.61 -8.11 12.10
N TYR C 67 -1.86 -7.46 12.99
CA TYR C 67 -2.03 -6.04 13.27
C TYR C 67 -1.01 -5.17 12.54
N LEU C 68 -0.53 -5.63 11.37
CA LEU C 68 0.43 -4.85 10.59
C LEU C 68 -0.18 -3.56 10.04
N TYR C 69 -1.49 -3.52 9.86
CA TYR C 69 -2.12 -2.36 9.27
C TYR C 69 -3.11 -1.72 10.23
N PRO C 70 -3.13 -0.40 10.30
CA PRO C 70 -3.88 0.29 11.37
C PRO C 70 -5.38 0.16 11.18
N PRO C 71 -6.15 0.37 12.24
CA PRO C 71 -7.62 0.33 12.12
C PRO C 71 -8.13 1.38 11.14
N SER C 72 -9.18 1.00 10.41
CA SER C 72 -9.80 1.91 9.46
C SER C 72 -10.58 3.01 10.17
N ASP C 73 -10.50 4.23 9.65
CA ASP C 73 -11.30 5.34 10.14
C ASP C 73 -12.66 5.44 9.45
N ARG C 74 -12.88 4.68 8.37
CA ARG C 74 -14.14 4.68 7.67
C ARG C 74 -15.08 3.59 8.19
N VAL C 75 -14.59 2.35 8.27
CA VAL C 75 -15.35 1.21 8.75
C VAL C 75 -14.69 0.68 10.01
N PRO C 76 -15.24 0.99 11.18
CA PRO C 76 -14.68 0.45 12.43
C PRO C 76 -14.69 -1.06 12.45
N GLY C 77 -13.74 -1.63 13.19
CA GLY C 77 -13.54 -3.07 13.22
C GLY C 77 -12.76 -3.62 12.06
N LEU C 78 -12.56 -2.85 11.00
CA LEU C 78 -11.84 -3.27 9.82
C LEU C 78 -10.48 -2.59 9.75
N ARG C 79 -9.59 -3.16 8.93
CA ARG C 79 -8.26 -2.62 8.69
C ARG C 79 -8.02 -2.60 7.18
N GLU C 80 -7.31 -1.57 6.71
CA GLU C 80 -7.16 -1.32 5.29
C GLU C 80 -5.71 -1.55 4.85
N ILE C 81 -5.54 -2.24 3.72
CA ILE C 81 -4.24 -2.43 3.10
C ILE C 81 -4.30 -1.81 1.72
N VAL C 82 -3.44 -0.83 1.47
CA VAL C 82 -3.31 -0.29 0.12
C VAL C 82 -2.37 -1.19 -0.66
N ALA C 83 -2.95 -2.21 -1.32
CA ALA C 83 -2.13 -3.19 -2.03
C ALA C 83 -1.64 -2.66 -3.37
N HIS C 84 -2.35 -1.70 -3.95
CA HIS C 84 -2.08 -1.18 -5.27
C HIS C 84 -2.68 0.20 -5.34
N PRO C 85 -2.11 1.13 -6.11
CA PRO C 85 -2.66 2.49 -6.18
C PRO C 85 -4.14 2.53 -6.60
N ASN C 86 -4.72 1.45 -7.09
CA ASN C 86 -6.12 1.44 -7.49
C ASN C 86 -6.99 0.54 -6.61
N TYR C 87 -6.42 -0.21 -5.68
CA TYR C 87 -7.17 -1.23 -4.97
C TYR C 87 -6.74 -1.34 -3.51
N ILE C 88 -7.74 -1.50 -2.64
CA ILE C 88 -7.55 -1.55 -1.19
C ILE C 88 -8.18 -2.83 -0.65
N ILE C 89 -7.47 -3.50 0.26
CA ILE C 89 -7.96 -4.71 0.93
C ILE C 89 -8.56 -4.33 2.27
N LEU C 90 -9.79 -4.79 2.51
CA LEU C 90 -10.44 -4.64 3.81
C LEU C 90 -10.45 -5.99 4.51
N TYR C 91 -9.88 -6.04 5.71
CA TYR C 91 -9.83 -7.28 6.49
C TYR C 91 -10.08 -6.94 7.95
N ARG C 92 -10.27 -8.00 8.75
CA ARG C 92 -10.44 -7.87 10.19
C ARG C 92 -9.78 -9.06 10.88
N VAL C 93 -9.59 -8.94 12.19
CA VAL C 93 -8.90 -9.95 12.98
C VAL C 93 -9.89 -10.54 13.96
N THR C 94 -10.22 -11.81 13.78
CA THR C 94 -11.05 -12.53 14.73
C THR C 94 -10.16 -13.27 15.72
N THR C 95 -10.77 -13.92 16.71
CA THR C 95 -9.98 -14.67 17.68
C THR C 95 -9.40 -15.95 17.09
N SER C 96 -9.97 -16.46 16.00
CA SER C 96 -9.50 -17.72 15.42
C SER C 96 -8.92 -17.58 14.02
N SER C 97 -9.04 -16.41 13.37
CA SER C 97 -8.59 -16.31 12.00
C SER C 97 -8.42 -14.85 11.62
N VAL C 98 -7.90 -14.65 10.40
CA VAL C 98 -7.89 -13.36 9.71
C VAL C 98 -8.85 -13.47 8.55
N GLU C 99 -9.82 -12.56 8.47
CA GLU C 99 -10.87 -12.60 7.45
C GLU C 99 -10.73 -11.40 6.52
N VAL C 100 -10.59 -11.67 5.23
CA VAL C 100 -10.65 -10.63 4.21
C VAL C 100 -12.12 -10.38 3.89
N VAL C 101 -12.57 -9.15 4.09
CA VAL C 101 -13.97 -8.78 3.94
C VAL C 101 -14.25 -8.39 2.50
N ASN C 102 -13.56 -7.37 2.00
CA ASN C 102 -13.81 -6.86 0.66
C ASN C 102 -12.50 -6.41 0.04
N VAL C 103 -12.50 -6.38 -1.29
CA VAL C 103 -11.44 -5.72 -2.07
C VAL C 103 -12.12 -4.70 -2.95
N ILE C 104 -11.71 -3.44 -2.82
CA ILE C 104 -12.43 -2.31 -3.41
C ILE C 104 -11.50 -1.55 -4.33
N HIS C 105 -12.10 -0.81 -5.26
CA HIS C 105 -11.36 0.18 -6.02
C HIS C 105 -11.18 1.43 -5.16
N ALA C 106 -9.96 1.97 -5.12
CA ALA C 106 -9.68 3.10 -4.26
C ALA C 106 -10.23 4.42 -4.78
N ARG C 107 -10.67 4.48 -6.02
CA ARG C 107 -11.05 5.75 -6.64
C ARG C 107 -12.49 5.79 -7.12
N ARG C 108 -13.10 4.65 -7.46
CA ARG C 108 -14.48 4.61 -7.88
C ARG C 108 -15.21 3.51 -7.13
N GLN C 109 -16.54 3.57 -7.14
CA GLN C 109 -17.38 2.61 -6.43
C GLN C 109 -17.49 1.33 -7.25
N PHE C 110 -16.35 0.65 -7.38
CA PHE C 110 -16.28 -0.55 -8.21
C PHE C 110 -15.90 -1.74 -7.33
N PRO C 111 -16.75 -2.78 -7.26
CA PRO C 111 -16.50 -4.02 -6.55
C PRO C 111 -15.33 -4.79 -7.12
N HIS D 20 15.98 -5.47 16.32
CA HIS D 20 15.42 -4.44 15.44
C HIS D 20 16.50 -3.82 14.56
N LEU D 21 16.18 -3.64 13.27
CA LEU D 21 17.10 -3.05 12.30
C LEU D 21 16.82 -1.56 12.17
N PRO D 22 17.84 -0.70 12.17
CA PRO D 22 17.60 0.74 12.23
C PRO D 22 17.03 1.29 10.93
N VAL D 23 16.01 2.12 11.06
CA VAL D 23 15.35 2.74 9.92
C VAL D 23 16.03 4.07 9.61
N LEU D 24 16.49 4.24 8.36
CA LEU D 24 17.18 5.44 7.94
C LEU D 24 16.48 6.05 6.74
N TRP D 25 16.80 7.33 6.50
CA TRP D 25 16.23 8.08 5.37
C TRP D 25 17.34 8.74 4.57
N LEU D 26 17.29 8.55 3.26
CA LEU D 26 18.13 9.34 2.39
C LEU D 26 17.64 10.79 2.39
N GLU D 27 18.59 11.71 2.22
CA GLU D 27 18.23 13.12 2.17
C GLU D 27 17.24 13.38 1.03
N SER D 28 17.43 12.69 -0.10
CA SER D 28 16.47 12.80 -1.20
C SER D 28 15.07 12.43 -0.74
N ALA D 29 14.95 11.38 0.08
CA ALA D 29 13.65 11.00 0.61
C ALA D 29 13.08 12.07 1.52
N ASP D 30 13.91 12.62 2.41
CA ASP D 30 13.46 13.73 3.24
C ASP D 30 13.01 14.90 2.37
N THR D 31 13.77 15.21 1.32
CA THR D 31 13.39 16.32 0.44
C THR D 31 12.07 16.03 -0.26
N ASP D 32 11.86 14.78 -0.71
CA ASP D 32 10.55 14.41 -1.25
C ASP D 32 9.46 14.65 -0.23
N LEU D 33 9.67 14.17 1.00
CA LEU D 33 8.73 14.40 2.08
C LEU D 33 8.41 15.88 2.21
N ASP D 34 9.44 16.71 2.23
CA ASP D 34 9.24 18.15 2.37
C ASP D 34 8.50 18.71 1.17
N ASP D 35 8.84 18.27 -0.04
CA ASP D 35 8.19 18.79 -1.24
C ASP D 35 6.72 18.41 -1.29
N ILE D 36 6.41 17.14 -1.01
CA ILE D 36 5.03 16.66 -1.14
C ILE D 36 4.14 17.36 -0.12
N THR D 37 4.58 17.44 1.13
CA THR D 37 3.78 18.06 2.17
C THR D 37 3.71 19.58 2.03
N SER D 38 4.71 20.20 1.38
CA SER D 38 4.65 21.64 1.15
C SER D 38 3.54 22.02 0.18
N TYR D 39 3.43 21.28 -0.92
CA TYR D 39 2.43 21.60 -1.94
C TYR D 39 1.02 21.42 -1.39
N ILE D 40 0.79 20.33 -0.67
CA ILE D 40 -0.53 20.06 -0.11
C ILE D 40 -0.90 21.11 0.93
N ALA D 41 0.06 21.51 1.76
CA ALA D 41 -0.22 22.42 2.86
C ALA D 41 -0.66 23.80 2.37
N ARG D 42 -0.26 24.20 1.17
CA ARG D 42 -0.74 25.47 0.60
C ARG D 42 -2.26 25.48 0.44
N PHE D 43 -2.90 24.31 0.47
CA PHE D 43 -4.35 24.21 0.40
C PHE D 43 -4.97 23.49 1.59
N ASP D 44 -4.24 22.60 2.26
CA ASP D 44 -4.80 21.86 3.40
C ASP D 44 -3.64 21.37 4.25
N ILE D 45 -3.46 21.99 5.42
CA ILE D 45 -2.36 21.61 6.31
C ILE D 45 -2.66 20.25 6.95
N ASP D 46 -3.92 20.02 7.33
CA ASP D 46 -4.29 18.77 7.98
C ASP D 46 -4.18 17.58 7.02
N ALA D 47 -4.62 17.77 5.78
CA ALA D 47 -4.39 16.76 4.75
C ALA D 47 -2.91 16.47 4.58
N ALA D 48 -2.06 17.48 4.77
CA ALA D 48 -0.62 17.27 4.68
C ALA D 48 -0.11 16.46 5.87
N GLU D 49 -0.65 16.74 7.07
CA GLU D 49 -0.22 16.00 8.25
C GLU D 49 -0.71 14.57 8.22
N ARG D 50 -1.96 14.36 7.79
CA ARG D 50 -2.49 13.00 7.70
C ARG D 50 -1.66 12.16 6.75
N LEU D 51 -1.18 12.77 5.65
CA LEU D 51 -0.32 12.02 4.73
C LEU D 51 1.01 11.68 5.38
N TRP D 52 1.56 12.57 6.21
CA TRP D 52 2.81 12.27 6.89
C TRP D 52 2.62 11.22 7.98
N GLN D 53 1.51 11.29 8.72
CA GLN D 53 1.22 10.27 9.73
C GLN D 53 1.07 8.90 9.08
N ARG D 54 0.57 8.84 7.85
CA ARG D 54 0.46 7.56 7.16
C ARG D 54 1.82 7.08 6.67
N LEU D 55 2.62 7.96 6.07
CA LEU D 55 3.93 7.55 5.56
C LEU D 55 4.82 7.07 6.70
N ARG D 56 4.85 7.80 7.82
CA ARG D 56 5.68 7.38 8.94
C ARG D 56 5.19 6.05 9.51
N GLY D 57 3.88 5.82 9.49
CA GLY D 57 3.34 4.55 9.98
C GLY D 57 3.62 3.37 9.09
N CYS D 58 4.06 3.60 7.86
CA CYS D 58 4.49 2.54 6.98
C CYS D 58 5.98 2.23 7.12
N VAL D 59 6.77 3.24 7.45
CA VAL D 59 8.22 3.11 7.48
C VAL D 59 8.76 2.67 8.83
N LEU D 60 8.11 3.08 9.93
CA LEU D 60 8.55 2.73 11.28
C LEU D 60 8.56 1.22 11.53
N PRO D 61 7.50 0.46 11.21
CA PRO D 61 7.56 -0.99 11.45
C PRO D 61 8.50 -1.75 10.53
N LEU D 62 9.22 -1.08 9.64
CA LEU D 62 10.18 -1.80 8.80
C LEU D 62 11.32 -2.39 9.62
N SER D 63 11.58 -1.87 10.82
CA SER D 63 12.59 -2.46 11.70
C SER D 63 12.29 -3.93 11.99
N GLU D 64 11.01 -4.28 12.09
CA GLU D 64 10.63 -5.64 12.44
C GLU D 64 10.32 -6.51 11.23
N HIS D 65 9.97 -5.90 10.09
CA HIS D 65 9.56 -6.65 8.90
C HIS D 65 10.24 -6.05 7.67
N PRO D 66 11.58 -6.16 7.60
CA PRO D 66 12.31 -5.46 6.52
C PRO D 66 11.95 -5.91 5.12
N TYR D 67 11.64 -7.20 4.93
CA TYR D 67 11.33 -7.73 3.61
C TYR D 67 9.83 -7.97 3.43
N LEU D 68 8.99 -7.20 4.13
CA LEU D 68 7.54 -7.41 4.05
C LEU D 68 7.00 -7.03 2.67
N TYR D 69 7.53 -5.95 2.07
CA TYR D 69 6.95 -5.45 0.83
C TYR D 69 7.69 -6.01 -0.38
N PRO D 70 7.00 -6.17 -1.51
CA PRO D 70 7.60 -6.85 -2.66
C PRO D 70 8.69 -6.03 -3.28
N PRO D 71 9.63 -6.67 -3.99
CA PRO D 71 10.66 -5.91 -4.69
C PRO D 71 10.10 -5.19 -5.91
N SER D 72 10.64 -4.00 -6.16
CA SER D 72 10.17 -3.20 -7.29
C SER D 72 10.66 -3.78 -8.60
N ASP D 73 9.80 -3.75 -9.62
CA ASP D 73 10.17 -4.08 -10.98
C ASP D 73 10.63 -2.87 -11.77
N ARG D 74 10.15 -1.67 -11.40
CA ARG D 74 10.63 -0.45 -12.04
C ARG D 74 12.09 -0.19 -11.69
N VAL D 75 12.40 -0.20 -10.40
CA VAL D 75 13.76 0.09 -9.94
C VAL D 75 14.30 -1.16 -9.26
N PRO D 76 15.02 -2.03 -9.98
CA PRO D 76 15.59 -3.23 -9.34
C PRO D 76 16.52 -2.86 -8.20
N GLY D 77 16.47 -3.66 -7.13
CA GLY D 77 17.23 -3.39 -5.93
C GLY D 77 16.45 -2.65 -4.86
N LEU D 78 15.26 -2.16 -5.16
CA LEU D 78 14.43 -1.44 -4.20
C LEU D 78 13.13 -2.19 -3.97
N ARG D 79 12.43 -1.80 -2.92
CA ARG D 79 11.15 -2.39 -2.55
C ARG D 79 10.09 -1.30 -2.47
N GLU D 80 8.86 -1.64 -2.83
CA GLU D 80 7.81 -0.67 -3.05
C GLU D 80 6.71 -0.83 -2.01
N ILE D 81 6.43 0.25 -1.28
CA ILE D 81 5.29 0.36 -0.37
C ILE D 81 4.27 1.29 -1.01
N VAL D 82 3.04 0.83 -1.14
CA VAL D 82 1.94 1.68 -1.59
C VAL D 82 1.27 2.19 -0.31
N ALA D 83 1.80 3.30 0.21
CA ALA D 83 1.30 3.85 1.46
C ALA D 83 -0.06 4.52 1.29
N HIS D 84 -0.31 5.08 0.12
CA HIS D 84 -1.52 5.83 -0.21
C HIS D 84 -1.84 5.57 -1.67
N PRO D 85 -3.11 5.62 -2.05
CA PRO D 85 -3.47 5.44 -3.46
C PRO D 85 -2.69 6.34 -4.42
N ASN D 86 -2.22 7.50 -3.95
CA ASN D 86 -1.49 8.43 -4.78
C ASN D 86 0.01 8.50 -4.48
N TYR D 87 0.51 7.84 -3.44
CA TYR D 87 1.90 7.99 -3.07
C TYR D 87 2.53 6.65 -2.72
N ILE D 88 3.81 6.50 -3.11
CA ILE D 88 4.57 5.27 -2.98
C ILE D 88 5.89 5.56 -2.28
N ILE D 89 6.30 4.66 -1.37
CA ILE D 89 7.58 4.73 -0.70
C ILE D 89 8.49 3.65 -1.30
N LEU D 90 9.68 4.06 -1.72
CA LEU D 90 10.68 3.14 -2.25
C LEU D 90 11.81 3.03 -1.25
N TYR D 91 12.12 1.80 -0.83
CA TYR D 91 13.16 1.57 0.17
C TYR D 91 13.96 0.33 -0.23
N ARG D 92 15.05 0.11 0.52
CA ARG D 92 15.89 -1.06 0.33
C ARG D 92 16.43 -1.51 1.68
N VAL D 93 16.83 -2.77 1.76
CA VAL D 93 17.47 -3.32 2.96
C VAL D 93 18.95 -3.49 2.66
N THR D 94 19.80 -2.86 3.47
CA THR D 94 21.23 -2.87 3.30
C THR D 94 21.83 -4.00 4.15
N THR D 95 23.15 -3.96 4.37
CA THR D 95 23.75 -4.94 5.27
C THR D 95 23.50 -4.60 6.74
N SER D 96 23.12 -3.35 7.04
CA SER D 96 23.01 -2.89 8.42
C SER D 96 21.73 -2.13 8.74
N SER D 97 20.89 -1.83 7.76
CA SER D 97 19.73 -0.97 8.00
C SER D 97 18.74 -1.11 6.86
N VAL D 98 17.59 -0.45 7.01
CA VAL D 98 16.64 -0.22 5.93
C VAL D 98 16.67 1.27 5.60
N GLU D 99 16.86 1.59 4.33
CA GLU D 99 16.98 2.97 3.88
C GLU D 99 15.79 3.34 3.01
N VAL D 100 15.08 4.40 3.39
CA VAL D 100 14.05 4.98 2.54
C VAL D 100 14.74 5.79 1.45
N VAL D 101 14.54 5.38 0.20
CA VAL D 101 15.24 6.02 -0.93
C VAL D 101 14.47 7.21 -1.47
N ASN D 102 13.19 7.04 -1.80
CA ASN D 102 12.41 8.15 -2.32
C ASN D 102 10.94 7.94 -1.96
N VAL D 103 10.20 9.04 -1.93
CA VAL D 103 8.74 9.04 -1.77
C VAL D 103 8.17 9.76 -2.97
N ILE D 104 7.38 9.06 -3.78
CA ILE D 104 6.98 9.56 -5.08
C ILE D 104 5.46 9.54 -5.20
N HIS D 105 4.96 10.37 -6.12
CA HIS D 105 3.57 10.29 -6.53
C HIS D 105 3.39 9.09 -7.47
N ALA D 106 2.31 8.35 -7.25
CA ALA D 106 2.11 7.10 -7.99
C ALA D 106 1.71 7.32 -9.44
N ARG D 107 1.14 8.49 -9.76
CA ARG D 107 0.63 8.77 -11.09
C ARG D 107 1.29 9.96 -11.76
N ARG D 108 2.01 10.80 -11.02
CA ARG D 108 2.64 11.99 -11.56
C ARG D 108 4.14 11.93 -11.32
N GLN D 109 4.90 12.56 -12.22
CA GLN D 109 6.35 12.68 -12.05
C GLN D 109 6.62 13.77 -11.02
N PHE D 110 6.36 13.42 -9.76
CA PHE D 110 6.37 14.38 -8.66
C PHE D 110 6.73 13.66 -7.36
N PRO D 111 7.60 14.26 -6.55
CA PRO D 111 8.28 15.54 -6.81
C PRO D 111 9.60 15.34 -7.56
#